data_2BTU
#
_entry.id   2BTU
#
_cell.length_a   89.490
_cell.length_b   89.490
_cell.length_c   88.117
_cell.angle_alpha   90.00
_cell.angle_beta   90.00
_cell.angle_gamma   90.00
#
_symmetry.space_group_name_H-M   'P 41'
#
loop_
_entity.id
_entity.type
_entity.pdbx_description
1 polymer 'PHOSPHORIBOSYL-AMINOIMIDAZOLE SYNTHETASE'
2 water water
#
_entity_poly.entity_id   1
_entity_poly.type   'polypeptide(L)'
_entity_poly.pdbx_seq_one_letter_code
;MANAYKQAGVDIEAGYEAVSRMKKHVQTTMRKEVLGGLGGFGGMFDLSKFALEEPVLVSGTDGVGTKLMLAFMADKHDTI
GIDAVAMCVNDIVVQGAEPLFFLDYIACGKAEPSKIENIVKGISEGCRQAGCALIGGETAEMPGMYSTEEYDLAGFTVGI
VDKKKIVTGEKIEAGHVLIGLASSGIHSNGYSLVRKVLLEDGELSLDRIYGRLELPLGEELLKPTKIYVKPILELLKNHE
VYGMAHITGGGFIENIPRMLPEGIGAEIELGSWKIQPIFSLLQEVGKLEEKEMFNIFNMGIGMVVAVKEEDAKDIVRLLE
EQGETARIIGRTVQGAGVTFNGGKAL
;
_entity_poly.pdbx_strand_id   A,B
#
# COMPACT_ATOMS: atom_id res chain seq x y z
N GLU A 13 -6.88 24.69 9.58
CA GLU A 13 -8.30 24.84 9.87
C GLU A 13 -9.02 25.42 8.67
N ALA A 14 -8.76 26.69 8.42
CA ALA A 14 -9.24 27.29 7.17
C ALA A 14 -8.26 26.90 6.06
N GLY A 15 -7.04 26.55 6.47
CA GLY A 15 -6.01 26.18 5.53
C GLY A 15 -6.18 24.79 4.96
N TYR A 16 -7.13 24.03 5.48
CA TYR A 16 -7.30 22.63 5.12
C TYR A 16 -8.32 22.44 4.01
N GLU A 17 -9.35 23.30 4.01
CA GLU A 17 -10.33 23.30 2.93
C GLU A 17 -9.70 23.64 1.60
N ALA A 18 -8.66 24.47 1.67
CA ALA A 18 -7.88 24.90 0.53
C ALA A 18 -6.82 23.87 0.15
N VAL A 19 -6.17 23.27 1.15
CA VAL A 19 -5.21 22.20 0.95
C VAL A 19 -5.93 20.93 0.48
N SER A 20 -7.24 20.86 0.70
CA SER A 20 -7.98 19.71 0.19
C SER A 20 -8.54 20.03 -1.19
N ARG A 21 -8.51 21.31 -1.55
CA ARG A 21 -8.85 21.78 -2.88
C ARG A 21 -7.69 21.56 -3.85
N MET A 22 -6.47 21.86 -3.39
CA MET A 22 -5.34 21.78 -4.31
C MET A 22 -4.96 20.32 -4.54
N LYS A 23 -5.61 19.41 -3.82
CA LYS A 23 -5.50 17.97 -3.90
C LYS A 23 -6.07 17.39 -5.19
N LYS A 24 -6.43 18.25 -6.12
CA LYS A 24 -6.85 18.20 -7.49
C LYS A 24 -5.81 17.58 -8.44
N HIS A 25 -4.74 17.07 -7.85
CA HIS A 25 -3.71 16.33 -8.57
C HIS A 25 -4.25 14.92 -8.80
N VAL A 26 -5.32 14.62 -8.06
CA VAL A 26 -5.86 13.28 -8.28
C VAL A 26 -6.77 13.31 -9.51
N GLN A 27 -7.52 14.40 -9.66
CA GLN A 27 -8.40 14.60 -10.81
C GLN A 27 -7.66 14.29 -12.11
N THR A 28 -6.39 14.68 -12.14
CA THR A 28 -5.53 14.43 -13.29
C THR A 28 -5.18 12.96 -13.44
N THR A 29 -5.76 12.05 -12.64
CA THR A 29 -5.30 10.66 -12.75
C THR A 29 -6.41 9.68 -13.11
N MET A 30 -7.65 10.09 -12.97
CA MET A 30 -8.90 9.39 -13.00
C MET A 30 -9.27 8.67 -14.29
N ARG A 31 -10.01 7.57 -14.14
CA ARG A 31 -10.52 6.76 -15.24
C ARG A 31 -12.03 6.51 -15.05
N LYS A 32 -12.75 6.37 -16.14
CA LYS A 32 -14.19 6.18 -16.19
C LYS A 32 -14.70 5.22 -15.10
N GLU A 33 -13.93 4.19 -14.89
CA GLU A 33 -14.00 3.04 -14.03
C GLU A 33 -14.00 3.39 -12.56
N VAL A 34 -13.39 4.54 -12.24
CA VAL A 34 -13.34 4.93 -10.84
C VAL A 34 -14.70 5.42 -10.38
N LEU A 35 -15.22 4.77 -9.34
CA LEU A 35 -16.57 4.99 -8.83
C LEU A 35 -16.60 5.86 -7.57
N GLY A 36 -17.26 6.98 -7.72
CA GLY A 36 -17.61 8.09 -6.91
C GLY A 36 -17.14 8.18 -5.48
N GLY A 37 -16.83 9.42 -5.07
CA GLY A 37 -16.40 9.75 -3.72
C GLY A 37 -15.99 11.20 -3.59
N PHE A 41 -15.05 5.60 2.72
CA PHE A 41 -14.06 5.00 3.61
C PHE A 41 -13.17 4.03 2.83
N GLY A 42 -13.21 4.14 1.51
CA GLY A 42 -12.41 3.27 0.66
C GLY A 42 -12.80 3.28 -0.81
N GLY A 43 -12.17 4.14 -1.60
CA GLY A 43 -12.34 4.38 -3.01
C GLY A 43 -12.88 3.20 -3.79
N MET A 44 -13.50 3.42 -4.96
CA MET A 44 -14.07 2.28 -5.67
C MET A 44 -13.79 2.33 -7.18
N PHE A 45 -13.50 1.15 -7.71
CA PHE A 45 -13.10 0.89 -9.07
C PHE A 45 -13.96 -0.19 -9.73
N ASP A 46 -14.67 0.16 -10.80
CA ASP A 46 -15.57 -0.78 -11.44
C ASP A 46 -14.87 -1.74 -12.39
N LEU A 47 -15.22 -3.01 -12.16
CA LEU A 47 -14.69 -4.11 -12.96
C LEU A 47 -15.78 -4.70 -13.84
N SER A 48 -16.89 -3.98 -14.01
CA SER A 48 -18.06 -4.48 -14.70
C SER A 48 -17.96 -4.47 -16.21
N LYS A 49 -16.94 -3.84 -16.78
CA LYS A 49 -16.77 -3.82 -18.24
C LYS A 49 -15.35 -4.15 -18.64
N PHE A 50 -14.74 -5.19 -18.04
CA PHE A 50 -13.33 -5.38 -18.38
C PHE A 50 -13.11 -6.47 -19.42
N ALA A 51 -14.16 -7.24 -19.69
CA ALA A 51 -14.15 -8.28 -20.70
C ALA A 51 -12.94 -9.21 -20.58
N LEU A 52 -12.65 -9.63 -19.35
CA LEU A 52 -11.63 -10.66 -19.15
C LEU A 52 -12.34 -11.96 -18.82
N GLU A 53 -11.80 -13.13 -19.22
CA GLU A 53 -12.57 -14.34 -18.92
C GLU A 53 -11.98 -15.11 -17.74
N GLU A 54 -10.71 -14.88 -17.44
CA GLU A 54 -10.10 -15.51 -16.27
C GLU A 54 -9.32 -14.44 -15.50
N PRO A 55 -10.03 -13.40 -15.05
CA PRO A 55 -9.39 -12.19 -14.52
C PRO A 55 -8.54 -12.46 -13.29
N VAL A 56 -7.40 -11.77 -13.19
CA VAL A 56 -6.54 -11.96 -12.02
C VAL A 56 -6.02 -10.62 -11.52
N LEU A 57 -5.95 -10.44 -10.20
CA LEU A 57 -5.42 -9.24 -9.57
C LEU A 57 -3.97 -9.47 -9.11
N VAL A 58 -3.12 -8.61 -9.64
CA VAL A 58 -1.71 -8.47 -9.40
C VAL A 58 -1.46 -7.16 -8.69
N SER A 59 -1.00 -7.22 -7.45
CA SER A 59 -0.73 -5.98 -6.71
C SER A 59 0.71 -5.93 -6.22
N GLY A 60 1.11 -4.83 -5.58
CA GLY A 60 2.47 -4.73 -5.06
C GLY A 60 2.72 -3.43 -4.33
N THR A 61 3.59 -3.44 -3.32
CA THR A 61 3.90 -2.19 -2.62
C THR A 61 5.42 -1.97 -2.56
N ASP A 62 5.89 -0.73 -2.69
CA ASP A 62 7.30 -0.42 -2.50
C ASP A 62 7.51 0.97 -1.92
N GLY A 63 8.53 1.12 -1.08
CA GLY A 63 8.97 2.36 -0.49
C GLY A 63 10.21 2.92 -1.18
N VAL A 64 10.16 4.17 -1.59
CA VAL A 64 11.16 4.93 -2.31
C VAL A 64 12.60 4.60 -1.91
N GLY A 65 13.01 4.89 -0.68
CA GLY A 65 14.36 4.52 -0.30
C GLY A 65 15.33 5.64 -0.03
N THR A 66 16.60 5.35 -0.33
CA THR A 66 17.71 6.26 -0.08
C THR A 66 17.73 7.48 -0.99
N LYS A 67 16.92 7.47 -2.05
CA LYS A 67 16.87 8.61 -2.97
C LYS A 67 16.25 9.81 -2.28
N LEU A 68 15.31 9.55 -1.38
CA LEU A 68 14.61 10.53 -0.60
C LEU A 68 15.54 11.48 0.15
N MET A 69 16.67 10.98 0.63
CA MET A 69 17.65 11.80 1.35
C MET A 69 18.15 12.94 0.49
N LEU A 70 18.26 12.75 -0.82
CA LEU A 70 18.67 13.84 -1.69
C LEU A 70 17.52 14.79 -1.99
N ALA A 71 16.28 14.42 -1.66
CA ALA A 71 15.19 15.36 -1.90
C ALA A 71 15.01 16.26 -0.68
N PHE A 72 15.58 15.84 0.44
CA PHE A 72 15.61 16.65 1.65
C PHE A 72 16.66 17.76 1.49
N MET A 73 17.79 17.39 0.89
CA MET A 73 18.86 18.32 0.57
C MET A 73 18.44 19.38 -0.45
N ALA A 74 17.88 18.97 -1.57
CA ALA A 74 17.55 19.91 -2.63
C ALA A 74 16.24 20.65 -2.36
N ASP A 75 15.48 20.15 -1.39
CA ASP A 75 14.21 20.78 -1.06
C ASP A 75 13.20 20.62 -2.19
N LYS A 76 13.44 19.68 -3.08
CA LYS A 76 12.58 19.31 -4.20
C LYS A 76 11.82 18.04 -3.84
N HIS A 77 10.50 18.16 -3.70
CA HIS A 77 9.64 17.06 -3.28
C HIS A 77 8.57 16.70 -4.29
N ASP A 78 8.44 17.42 -5.40
CA ASP A 78 7.37 17.10 -6.34
C ASP A 78 7.70 16.08 -7.42
N THR A 79 8.84 15.39 -7.39
CA THR A 79 9.20 14.44 -8.44
C THR A 79 9.37 13.03 -7.89
N ILE A 80 9.87 12.93 -6.66
CA ILE A 80 10.11 11.62 -6.06
C ILE A 80 8.86 10.75 -6.04
N GLY A 81 7.70 11.38 -5.90
CA GLY A 81 6.45 10.63 -5.98
C GLY A 81 6.32 9.93 -7.32
N ILE A 82 7.00 10.40 -8.36
CA ILE A 82 7.05 9.70 -9.64
C ILE A 82 7.96 8.48 -9.51
N ASP A 83 9.00 8.62 -8.69
CA ASP A 83 9.87 7.53 -8.32
C ASP A 83 9.14 6.42 -7.58
N ALA A 84 8.28 6.79 -6.64
CA ALA A 84 7.55 5.81 -5.85
C ALA A 84 6.57 5.02 -6.72
N VAL A 85 5.72 5.75 -7.44
CA VAL A 85 4.78 5.12 -8.37
C VAL A 85 5.48 4.21 -9.38
N ALA A 86 6.48 4.74 -10.07
CA ALA A 86 7.20 4.01 -11.10
C ALA A 86 7.64 2.62 -10.67
N MET A 87 8.23 2.50 -9.48
CA MET A 87 8.70 1.21 -8.99
C MET A 87 7.60 0.19 -8.83
N CYS A 88 6.45 0.64 -8.33
CA CYS A 88 5.29 -0.20 -8.09
C CYS A 88 4.66 -0.67 -9.39
N VAL A 89 4.48 0.30 -10.28
CA VAL A 89 3.80 0.11 -11.56
C VAL A 89 4.65 -0.64 -12.55
N ASN A 90 5.97 -0.42 -12.57
CA ASN A 90 6.80 -1.14 -13.53
C ASN A 90 6.90 -2.60 -13.12
N ASP A 91 6.76 -2.87 -11.83
CA ASP A 91 6.81 -4.23 -11.30
C ASP A 91 5.51 -4.98 -11.62
N ILE A 92 4.54 -4.23 -12.11
CA ILE A 92 3.21 -4.74 -12.39
C ILE A 92 3.09 -5.12 -13.87
N VAL A 93 3.41 -4.16 -14.74
CA VAL A 93 3.24 -4.37 -16.17
C VAL A 93 4.26 -5.38 -16.68
N VAL A 94 5.33 -5.51 -15.92
CA VAL A 94 6.38 -6.46 -16.29
C VAL A 94 5.90 -7.90 -16.15
N GLN A 95 4.77 -8.08 -15.47
CA GLN A 95 4.19 -9.42 -15.39
C GLN A 95 2.98 -9.49 -16.34
N GLY A 96 2.78 -8.44 -17.11
CA GLY A 96 1.80 -8.35 -18.16
C GLY A 96 0.48 -7.76 -17.76
N ALA A 97 0.39 -7.18 -16.57
CA ALA A 97 -0.87 -6.66 -16.07
C ALA A 97 -1.07 -5.20 -16.42
N GLU A 98 -2.26 -4.70 -16.14
CA GLU A 98 -2.56 -3.29 -16.28
C GLU A 98 -2.87 -2.67 -14.92
N PRO A 99 -2.00 -1.76 -14.50
CA PRO A 99 -2.22 -0.96 -13.30
C PRO A 99 -3.55 -0.22 -13.36
N LEU A 100 -4.36 -0.41 -12.32
CA LEU A 100 -5.65 0.24 -12.23
C LEU A 100 -5.59 1.44 -11.30
N PHE A 101 -5.35 1.15 -10.02
CA PHE A 101 -5.31 2.22 -9.04
C PHE A 101 -4.13 2.06 -8.08
N PHE A 102 -3.74 3.21 -7.54
CA PHE A 102 -2.62 3.42 -6.67
C PHE A 102 -3.07 4.08 -5.37
N LEU A 103 -2.44 3.70 -4.26
CA LEU A 103 -2.64 4.33 -2.98
C LEU A 103 -1.28 4.68 -2.40
N ASP A 104 -1.17 5.86 -1.83
CA ASP A 104 0.06 6.33 -1.21
C ASP A 104 0.01 6.32 0.31
N TYR A 105 1.17 6.12 0.96
CA TYR A 105 1.26 6.36 2.39
C TYR A 105 2.48 7.20 2.71
N ILE A 106 2.28 8.38 3.28
CA ILE A 106 3.37 9.31 3.58
C ILE A 106 3.54 9.51 5.08
N ALA A 107 4.75 9.30 5.58
CA ALA A 107 5.03 9.40 7.01
C ALA A 107 5.97 10.55 7.34
N CYS A 108 5.58 11.35 8.31
CA CYS A 108 6.29 12.56 8.69
C CYS A 108 6.00 12.94 10.14
N GLY A 109 6.95 13.61 10.77
CA GLY A 109 6.75 14.26 12.06
C GLY A 109 5.42 14.99 12.02
N LYS A 110 5.30 16.10 11.29
CA LYS A 110 3.99 16.69 11.05
C LYS A 110 3.98 17.26 9.63
N ALA A 111 2.81 17.62 9.14
CA ALA A 111 2.66 17.93 7.72
C ALA A 111 2.49 19.40 7.39
N GLU A 112 3.42 19.94 6.61
CA GLU A 112 3.26 21.24 5.97
C GLU A 112 2.38 21.06 4.73
N PRO A 113 1.17 21.58 4.75
CA PRO A 113 0.17 21.31 3.72
C PRO A 113 0.75 21.44 2.31
N SER A 114 1.64 22.41 2.16
CA SER A 114 2.36 22.65 0.91
C SER A 114 3.25 21.46 0.56
N LYS A 115 4.24 21.20 1.40
CA LYS A 115 5.19 20.12 1.20
C LYS A 115 4.50 18.82 0.82
N ILE A 116 3.38 18.50 1.47
CA ILE A 116 2.58 17.32 1.25
C ILE A 116 1.84 17.41 -0.08
N GLU A 117 1.70 18.65 -0.54
CA GLU A 117 1.01 18.93 -1.78
C GLU A 117 1.92 18.67 -2.96
N ASN A 118 3.20 18.93 -2.72
CA ASN A 118 4.20 18.67 -3.75
C ASN A 118 4.42 17.17 -3.88
N ILE A 119 4.36 16.47 -2.75
CA ILE A 119 4.52 15.02 -2.82
C ILE A 119 3.36 14.43 -3.62
N VAL A 120 2.12 14.74 -3.27
CA VAL A 120 1.06 14.13 -4.07
C VAL A 120 1.09 14.65 -5.50
N LYS A 121 1.70 15.82 -5.71
CA LYS A 121 1.77 16.38 -7.06
C LYS A 121 2.61 15.53 -8.00
N GLY A 122 3.70 14.97 -7.50
CA GLY A 122 4.50 14.06 -8.30
C GLY A 122 4.00 12.63 -8.19
N ILE A 123 3.07 12.37 -7.28
CA ILE A 123 2.47 11.04 -7.18
C ILE A 123 1.35 10.90 -8.23
N SER A 124 0.68 12.02 -8.44
CA SER A 124 -0.39 12.16 -9.41
C SER A 124 0.14 12.00 -10.84
N GLU A 125 1.17 12.76 -11.15
CA GLU A 125 1.89 12.76 -12.41
C GLU A 125 2.34 11.34 -12.77
N GLY A 126 3.11 10.75 -11.87
CA GLY A 126 3.52 9.36 -12.02
C GLY A 126 2.34 8.45 -12.29
N CYS A 127 1.20 8.79 -11.73
CA CYS A 127 -0.02 7.98 -11.86
C CYS A 127 -0.66 8.29 -13.21
N ARG A 128 -0.43 9.51 -13.67
CA ARG A 128 -0.92 9.92 -14.99
C ARG A 128 -0.29 9.06 -16.08
N GLN A 129 1.03 8.95 -15.97
CA GLN A 129 1.86 8.21 -16.90
C GLN A 129 1.64 6.71 -16.82
N ALA A 130 1.46 6.21 -15.60
CA ALA A 130 1.22 4.78 -15.39
C ALA A 130 -0.18 4.42 -15.86
N GLY A 131 -1.04 5.43 -15.90
CA GLY A 131 -2.43 5.38 -16.29
C GLY A 131 -3.30 4.80 -15.20
N CYS A 132 -2.93 5.06 -13.93
CA CYS A 132 -3.72 4.46 -12.85
C CYS A 132 -4.41 5.57 -12.09
N ALA A 133 -5.48 5.20 -11.39
CA ALA A 133 -6.11 6.24 -10.58
C ALA A 133 -5.45 6.32 -9.21
N LEU A 134 -5.27 7.54 -8.72
CA LEU A 134 -4.93 7.78 -7.32
C LEU A 134 -6.21 7.70 -6.49
N ILE A 135 -6.54 6.51 -5.99
CA ILE A 135 -7.85 6.32 -5.37
C ILE A 135 -7.81 6.55 -3.87
N GLY A 136 -6.62 6.70 -3.27
CA GLY A 136 -6.63 6.88 -1.82
C GLY A 136 -5.24 7.15 -1.28
N GLY A 137 -5.13 7.33 0.04
CA GLY A 137 -3.83 7.59 0.62
C GLY A 137 -3.93 8.16 2.02
N GLU A 138 -2.85 8.00 2.79
CA GLU A 138 -2.80 8.47 4.17
C GLU A 138 -1.59 9.39 4.38
N THR A 139 -1.82 10.35 5.26
CA THR A 139 -0.85 11.35 5.66
C THR A 139 -0.73 11.33 7.17
N ALA A 140 0.47 11.00 7.65
CA ALA A 140 0.67 10.78 9.08
C ALA A 140 1.63 11.76 9.73
N GLU A 141 1.08 12.73 10.47
CA GLU A 141 1.92 13.58 11.29
C GLU A 141 2.26 12.83 12.59
N MET A 142 3.47 12.31 12.63
CA MET A 142 4.11 11.47 13.62
C MET A 142 4.97 12.24 14.60
N PRO A 143 5.18 11.64 15.78
CA PRO A 143 6.02 12.26 16.81
C PRO A 143 7.44 12.56 16.32
N GLY A 144 8.40 12.36 17.20
CA GLY A 144 9.80 12.59 17.00
C GLY A 144 10.50 11.44 16.28
N MET A 145 9.70 10.51 15.78
CA MET A 145 10.06 9.34 15.01
C MET A 145 10.65 9.72 13.65
N TYR A 146 10.17 10.87 13.20
CA TYR A 146 10.53 11.57 11.99
C TYR A 146 10.96 13.00 12.31
N SER A 147 12.05 13.47 11.68
CA SER A 147 12.46 14.84 11.96
C SER A 147 11.67 15.81 11.08
N THR A 148 12.16 17.06 10.99
CA THR A 148 11.40 18.05 10.21
C THR A 148 11.57 17.79 8.72
N GLU A 149 12.80 17.69 8.26
CA GLU A 149 13.08 17.49 6.83
C GLU A 149 12.70 16.09 6.38
N GLU A 150 13.09 15.10 7.15
CA GLU A 150 12.91 13.66 6.93
C GLU A 150 11.45 13.23 6.91
N TYR A 151 11.03 12.54 5.84
CA TYR A 151 9.71 11.95 5.68
C TYR A 151 9.81 10.60 4.97
N ASP A 152 8.73 9.82 4.91
CA ASP A 152 8.85 8.54 4.18
C ASP A 152 7.74 8.41 3.16
N LEU A 153 7.86 7.50 2.19
CA LEU A 153 6.82 7.41 1.17
C LEU A 153 6.68 6.03 0.55
N ALA A 154 5.59 5.34 0.92
CA ALA A 154 5.31 4.04 0.33
C ALA A 154 4.14 4.14 -0.65
N GLY A 155 4.15 3.25 -1.65
CA GLY A 155 3.04 3.22 -2.58
C GLY A 155 2.48 1.83 -2.72
N PHE A 156 1.31 1.74 -3.33
CA PHE A 156 0.65 0.45 -3.47
C PHE A 156 -0.27 0.44 -4.68
N THR A 157 -0.04 -0.52 -5.57
CA THR A 157 -0.79 -0.63 -6.81
C THR A 157 -1.58 -1.92 -6.93
N VAL A 158 -2.65 -1.84 -7.72
CA VAL A 158 -3.31 -3.08 -8.14
C VAL A 158 -3.37 -3.06 -9.66
N GLY A 159 -3.09 -4.18 -10.31
CA GLY A 159 -3.18 -4.30 -11.76
C GLY A 159 -4.06 -5.49 -12.09
N ILE A 160 -4.72 -5.53 -13.25
CA ILE A 160 -5.53 -6.69 -13.61
C ILE A 160 -5.00 -7.39 -14.86
N VAL A 161 -4.88 -8.72 -14.83
CA VAL A 161 -4.41 -9.45 -16.00
C VAL A 161 -5.32 -10.64 -16.29
N ASP A 162 -5.40 -11.09 -17.54
CA ASP A 162 -6.09 -12.36 -17.78
C ASP A 162 -5.15 -13.54 -17.53
N LYS A 163 -5.61 -14.57 -16.86
CA LYS A 163 -4.84 -15.74 -16.44
C LYS A 163 -4.02 -16.38 -17.57
N LYS A 164 -4.43 -16.16 -18.80
CA LYS A 164 -3.78 -16.61 -20.01
C LYS A 164 -2.73 -15.64 -20.51
N LYS A 165 -2.90 -14.37 -20.16
CA LYS A 165 -1.99 -13.35 -20.68
C LYS A 165 -0.85 -13.04 -19.72
N ILE A 166 -0.56 -13.92 -18.76
CA ILE A 166 0.51 -13.63 -17.81
C ILE A 166 1.85 -14.06 -18.43
N VAL A 167 2.93 -13.37 -18.08
CA VAL A 167 4.25 -13.68 -18.60
C VAL A 167 5.22 -13.88 -17.43
N THR A 168 5.95 -14.99 -17.45
CA THR A 168 6.82 -15.30 -16.33
C THR A 168 8.25 -15.62 -16.77
N GLY A 169 8.42 -15.90 -18.05
CA GLY A 169 9.73 -16.18 -18.64
C GLY A 169 9.96 -17.65 -18.96
N GLU A 170 9.22 -18.54 -18.32
CA GLU A 170 9.38 -19.98 -18.51
C GLU A 170 9.28 -20.42 -19.97
N LYS A 171 8.63 -19.60 -20.79
CA LYS A 171 8.43 -19.78 -22.20
C LYS A 171 9.49 -19.07 -23.03
N ILE A 172 10.48 -18.48 -22.36
CA ILE A 172 11.58 -17.84 -23.08
C ILE A 172 12.60 -18.88 -23.49
N GLU A 173 13.14 -18.79 -24.70
CA GLU A 173 14.02 -19.82 -25.24
C GLU A 173 15.32 -19.27 -25.79
N ALA A 174 16.23 -20.20 -26.06
CA ALA A 174 17.57 -20.02 -26.57
C ALA A 174 17.58 -19.51 -28.00
N GLY A 175 17.98 -18.25 -28.18
CA GLY A 175 17.94 -17.66 -29.52
C GLY A 175 16.86 -16.60 -29.55
N HIS A 176 16.28 -16.38 -28.37
CA HIS A 176 15.28 -15.33 -28.20
C HIS A 176 16.01 -14.00 -28.05
N VAL A 177 15.39 -12.91 -28.48
CA VAL A 177 16.05 -11.61 -28.56
C VAL A 177 15.69 -10.65 -27.43
N LEU A 178 16.69 -10.26 -26.63
CA LEU A 178 16.44 -9.31 -25.56
C LEU A 178 16.61 -7.86 -25.99
N ILE A 179 15.51 -7.12 -25.92
CA ILE A 179 15.46 -5.70 -26.14
C ILE A 179 15.55 -5.00 -24.79
N GLY A 180 16.26 -3.88 -24.69
CA GLY A 180 16.30 -3.12 -23.46
C GLY A 180 15.71 -1.74 -23.69
N LEU A 181 14.79 -1.29 -22.84
CA LEU A 181 14.26 0.08 -22.93
C LEU A 181 15.09 1.04 -22.06
N ALA A 182 15.55 2.14 -22.62
CA ALA A 182 16.46 3.01 -21.90
C ALA A 182 15.84 3.61 -20.64
N SER A 183 16.72 3.99 -19.72
CA SER A 183 16.38 4.58 -18.43
C SER A 183 16.73 6.07 -18.37
N SER A 184 16.19 6.74 -17.35
CA SER A 184 16.42 8.16 -17.14
C SER A 184 17.75 8.42 -16.45
N GLY A 185 18.39 7.36 -15.97
CA GLY A 185 19.60 7.45 -15.17
C GLY A 185 19.50 6.48 -14.00
N ILE A 186 19.91 6.84 -12.79
CA ILE A 186 19.93 5.90 -11.68
C ILE A 186 18.57 5.30 -11.36
N HIS A 187 17.49 5.91 -11.85
CA HIS A 187 16.16 5.42 -11.50
C HIS A 187 16.01 5.52 -9.98
N SER A 188 15.98 4.36 -9.32
CA SER A 188 15.74 4.35 -7.88
C SER A 188 16.45 3.22 -7.16
N ASN A 189 17.75 3.10 -7.34
CA ASN A 189 18.54 2.01 -6.78
C ASN A 189 20.03 2.32 -6.82
N GLY A 190 20.72 2.23 -5.69
CA GLY A 190 22.15 2.36 -5.58
C GLY A 190 22.63 3.66 -4.99
N TYR A 191 21.71 4.44 -4.47
CA TYR A 191 21.92 5.79 -4.00
C TYR A 191 22.76 5.85 -2.75
N SER A 192 22.75 4.78 -1.96
CA SER A 192 23.62 4.75 -0.79
C SER A 192 25.08 4.69 -1.23
N LEU A 193 25.33 3.90 -2.26
CA LEU A 193 26.68 3.86 -2.85
C LEU A 193 26.98 5.15 -3.61
N VAL A 194 25.96 5.81 -4.13
CA VAL A 194 26.09 7.11 -4.78
C VAL A 194 26.58 8.17 -3.80
N ARG A 195 25.87 8.22 -2.66
CA ARG A 195 26.24 9.09 -1.55
C ARG A 195 27.64 8.77 -1.05
N LYS A 196 27.96 7.50 -0.85
CA LYS A 196 29.30 7.08 -0.42
C LYS A 196 30.37 7.72 -1.28
N VAL A 197 30.10 8.01 -2.57
CA VAL A 197 31.00 8.99 -3.19
C VAL A 197 30.19 10.13 -3.80
N LEU A 198 29.84 11.08 -2.99
CA LEU A 198 29.44 12.32 -2.45
C LEU A 198 30.27 12.66 -1.19
N LEU A 199 30.51 11.64 -0.38
CA LEU A 199 31.40 11.75 0.78
C LEU A 199 32.86 11.70 0.34
N GLU A 200 33.26 10.53 -0.15
CA GLU A 200 34.56 10.25 -0.71
C GLU A 200 34.94 11.24 -1.82
N ASP A 201 33.92 11.79 -2.45
CA ASP A 201 34.02 12.75 -3.54
C ASP A 201 33.90 14.20 -3.04
N GLY A 202 33.04 14.92 -3.75
CA GLY A 202 32.66 16.31 -3.59
C GLY A 202 31.37 16.53 -4.38
N GLU A 203 30.43 17.22 -3.76
CA GLU A 203 29.05 17.43 -4.09
C GLU A 203 28.78 18.49 -5.16
N LEU A 204 27.54 18.45 -5.64
CA LEU A 204 26.99 19.30 -6.67
C LEU A 204 27.24 20.79 -6.41
N ILE A 209 28.47 20.56 -11.74
CA ILE A 209 28.60 19.98 -13.08
C ILE A 209 29.92 19.25 -13.25
N TYR A 210 29.83 17.93 -13.33
CA TYR A 210 31.00 17.06 -13.46
C TYR A 210 31.04 16.33 -14.79
N GLY A 211 32.24 16.09 -15.27
CA GLY A 211 32.68 15.45 -16.46
C GLY A 211 31.79 15.51 -17.69
N ARG A 212 31.84 14.45 -18.50
CA ARG A 212 31.12 14.19 -19.72
C ARG A 212 29.66 14.64 -19.56
N LEU A 213 29.03 15.02 -20.65
CA LEU A 213 27.73 15.64 -20.84
C LEU A 213 27.02 15.86 -19.52
N GLU A 214 26.57 17.07 -19.17
CA GLU A 214 26.13 17.12 -17.77
C GLU A 214 25.28 18.34 -17.38
N LEU A 215 24.33 18.06 -16.51
CA LEU A 215 23.45 18.87 -15.71
C LEU A 215 24.12 19.08 -14.35
N PRO A 216 23.60 19.93 -13.49
CA PRO A 216 24.07 19.94 -12.09
C PRO A 216 23.89 18.57 -11.47
N LEU A 217 24.92 18.08 -10.79
CA LEU A 217 25.06 16.71 -10.30
C LEU A 217 23.84 16.24 -9.51
N GLY A 218 23.42 17.02 -8.54
CA GLY A 218 22.25 16.71 -7.72
C GLY A 218 21.00 16.59 -8.56
N GLU A 219 20.88 17.49 -9.52
CA GLU A 219 19.79 17.52 -10.49
C GLU A 219 19.80 16.28 -11.38
N GLU A 220 20.99 15.76 -11.67
CA GLU A 220 21.07 14.50 -12.41
C GLU A 220 20.60 13.34 -11.53
N LEU A 221 21.12 13.34 -10.30
CA LEU A 221 20.76 12.36 -9.29
C LEU A 221 19.26 12.34 -8.98
N LEU A 222 18.60 13.50 -8.92
CA LEU A 222 17.19 13.51 -8.56
C LEU A 222 16.29 13.34 -9.79
N LYS A 223 16.86 12.87 -10.89
CA LYS A 223 16.01 12.57 -12.05
C LYS A 223 15.11 11.38 -11.71
N PRO A 224 13.79 11.54 -11.91
CA PRO A 224 12.85 10.50 -11.53
C PRO A 224 12.92 9.30 -12.46
N THR A 225 12.61 8.17 -11.85
CA THR A 225 12.49 6.88 -12.50
C THR A 225 11.52 6.93 -13.68
N LYS A 226 11.88 6.20 -14.73
CA LYS A 226 11.02 6.06 -15.90
C LYS A 226 9.88 5.08 -15.61
N ILE A 227 8.70 5.40 -16.13
CA ILE A 227 7.50 4.61 -16.09
C ILE A 227 7.24 4.02 -17.48
N TYR A 228 7.36 2.70 -17.55
CA TYR A 228 7.30 1.97 -18.80
C TYR A 228 5.92 1.41 -19.11
N VAL A 229 4.90 1.84 -18.37
CA VAL A 229 3.63 1.12 -18.52
C VAL A 229 3.01 1.26 -19.89
N LYS A 230 2.60 2.47 -20.28
CA LYS A 230 1.83 2.68 -21.50
C LYS A 230 2.46 2.01 -22.70
N PRO A 231 3.74 2.21 -22.98
CA PRO A 231 4.35 1.42 -24.06
C PRO A 231 4.19 -0.08 -23.83
N ILE A 232 4.45 -0.58 -22.64
CA ILE A 232 4.50 -2.02 -22.45
C ILE A 232 3.18 -2.72 -22.75
N LEU A 233 2.07 -2.04 -22.56
CA LEU A 233 0.76 -2.62 -22.86
C LEU A 233 0.49 -2.60 -24.37
N GLU A 234 1.01 -1.60 -25.08
CA GLU A 234 0.78 -1.50 -26.51
C GLU A 234 1.55 -2.58 -27.26
N LEU A 235 2.79 -2.77 -26.83
CA LEU A 235 3.63 -3.90 -27.20
C LEU A 235 2.76 -5.17 -27.30
N LEU A 236 2.40 -5.67 -26.14
CA LEU A 236 1.62 -6.81 -25.75
C LEU A 236 0.29 -6.91 -26.52
N LYS A 237 -0.29 -5.77 -26.85
CA LYS A 237 -1.45 -5.77 -27.72
C LYS A 237 -1.04 -6.08 -29.16
N ASN A 238 0.24 -5.92 -29.50
CA ASN A 238 0.63 -6.16 -30.89
C ASN A 238 1.58 -7.32 -31.08
N HIS A 239 2.30 -7.78 -30.05
CA HIS A 239 3.25 -8.85 -30.27
C HIS A 239 3.32 -9.83 -29.11
N GLU A 240 3.96 -10.97 -29.39
CA GLU A 240 4.21 -12.05 -28.46
C GLU A 240 5.46 -11.75 -27.62
N VAL A 241 5.27 -11.64 -26.32
CA VAL A 241 6.34 -11.36 -25.37
C VAL A 241 6.46 -12.53 -24.40
N TYR A 242 7.67 -13.06 -24.34
CA TYR A 242 8.05 -14.28 -23.66
C TYR A 242 8.60 -14.03 -22.26
N GLY A 243 8.91 -12.76 -22.01
CA GLY A 243 9.42 -12.28 -20.74
C GLY A 243 9.61 -10.77 -20.75
N MET A 244 9.74 -10.23 -19.54
CA MET A 244 10.10 -8.85 -19.24
C MET A 244 10.83 -8.83 -17.90
N ALA A 245 11.84 -7.99 -17.74
CA ALA A 245 12.57 -7.80 -16.50
C ALA A 245 12.73 -6.31 -16.18
N HIS A 246 12.20 -5.93 -15.03
CA HIS A 246 12.36 -4.57 -14.53
C HIS A 246 13.71 -4.49 -13.82
N ILE A 247 14.63 -3.79 -14.46
CA ILE A 247 15.99 -3.67 -13.94
C ILE A 247 15.99 -2.69 -12.77
N THR A 248 15.83 -3.26 -11.57
CA THR A 248 15.92 -2.51 -10.32
C THR A 248 17.12 -2.99 -9.49
N GLY A 249 16.87 -3.34 -8.25
CA GLY A 249 17.88 -3.81 -7.32
C GLY A 249 18.70 -4.98 -7.80
N GLY A 250 20.04 -4.89 -7.74
CA GLY A 250 20.85 -6.01 -8.19
C GLY A 250 21.07 -5.95 -9.69
N GLY A 251 20.68 -4.84 -10.29
CA GLY A 251 20.82 -4.56 -11.70
C GLY A 251 20.62 -5.71 -12.65
N PHE A 252 21.47 -5.83 -13.67
CA PHE A 252 21.33 -6.89 -14.66
C PHE A 252 21.51 -8.29 -14.06
N ILE A 253 22.55 -8.38 -13.24
CA ILE A 253 23.00 -9.64 -12.66
C ILE A 253 21.90 -10.27 -11.82
N GLU A 254 21.05 -9.47 -11.19
CA GLU A 254 19.97 -10.00 -10.37
C GLU A 254 18.71 -10.28 -11.19
N ASN A 255 18.37 -9.34 -12.07
CA ASN A 255 17.07 -9.24 -12.72
C ASN A 255 16.96 -9.86 -14.09
N ILE A 256 18.03 -10.00 -14.87
CA ILE A 256 17.84 -10.76 -16.11
C ILE A 256 17.73 -12.25 -15.83
N PRO A 257 18.64 -12.86 -15.09
CA PRO A 257 18.50 -14.27 -14.69
C PRO A 257 17.13 -14.73 -14.25
N ARG A 258 16.45 -13.93 -13.44
CA ARG A 258 15.18 -14.21 -12.78
C ARG A 258 13.99 -14.40 -13.73
N MET A 259 14.06 -13.88 -14.95
CA MET A 259 13.06 -14.17 -15.96
C MET A 259 13.43 -15.41 -16.78
N LEU A 260 14.67 -15.86 -16.65
CA LEU A 260 15.21 -16.92 -17.50
C LEU A 260 15.15 -18.30 -16.86
N PRO A 261 14.41 -19.22 -17.48
CA PRO A 261 14.30 -20.59 -16.94
C PRO A 261 15.66 -21.27 -16.83
N GLU A 262 15.60 -22.58 -16.57
CA GLU A 262 16.77 -23.43 -16.42
C GLU A 262 17.39 -23.76 -17.78
N GLY A 263 18.71 -23.70 -17.83
CA GLY A 263 19.45 -24.05 -19.02
C GLY A 263 19.63 -22.84 -19.92
N ILE A 264 18.93 -21.78 -19.54
CA ILE A 264 19.03 -20.54 -20.31
C ILE A 264 19.74 -19.45 -19.50
N GLY A 265 20.73 -18.87 -20.15
CA GLY A 265 21.59 -17.80 -19.66
C GLY A 265 21.43 -16.59 -20.57
N ALA A 266 22.17 -15.52 -20.36
CA ALA A 266 22.02 -14.33 -21.20
C ALA A 266 23.37 -13.78 -21.65
N GLU A 267 23.43 -13.33 -22.89
CA GLU A 267 24.60 -12.68 -23.46
C GLU A 267 24.27 -11.22 -23.79
N ILE A 268 24.96 -10.31 -23.13
CA ILE A 268 24.82 -8.87 -23.29
C ILE A 268 26.00 -8.30 -24.09
N GLU A 269 25.67 -7.52 -25.11
CA GLU A 269 26.62 -6.91 -26.02
C GLU A 269 26.86 -5.46 -25.63
N LEU A 270 27.88 -5.24 -24.84
CA LEU A 270 28.20 -4.03 -24.09
C LEU A 270 28.03 -2.74 -24.88
N GLY A 271 28.13 -2.79 -26.21
CA GLY A 271 28.00 -1.56 -26.97
C GLY A 271 26.66 -1.31 -27.59
N SER A 272 25.64 -2.12 -27.28
CA SER A 272 24.35 -2.01 -27.96
C SER A 272 23.51 -0.85 -27.45
N TRP A 273 23.82 -0.35 -26.25
CA TRP A 273 23.05 0.76 -25.71
C TRP A 273 23.95 1.83 -25.10
N LYS A 274 23.34 2.98 -24.85
CA LYS A 274 23.95 4.20 -24.34
C LYS A 274 23.98 4.26 -22.82
N ILE A 275 25.18 4.32 -22.26
CA ILE A 275 25.34 4.45 -20.81
C ILE A 275 25.52 5.91 -20.40
N GLN A 276 24.61 6.38 -19.55
CA GLN A 276 24.69 7.78 -19.11
C GLN A 276 26.04 8.03 -18.43
N PRO A 277 26.55 9.24 -18.64
CA PRO A 277 27.82 9.65 -18.03
C PRO A 277 27.82 9.49 -16.52
N ILE A 278 26.66 9.54 -15.87
CA ILE A 278 26.75 9.42 -14.41
C ILE A 278 27.22 8.02 -14.02
N PHE A 279 26.86 7.02 -14.84
CA PHE A 279 27.32 5.67 -14.51
C PHE A 279 28.84 5.61 -14.67
N SER A 280 29.31 6.28 -15.70
CA SER A 280 30.74 6.43 -15.99
C SER A 280 31.48 7.08 -14.83
N LEU A 281 31.01 8.26 -14.46
CA LEU A 281 31.50 8.99 -13.30
C LEU A 281 31.73 8.09 -12.09
N LEU A 282 30.63 7.61 -11.54
CA LEU A 282 30.47 6.61 -10.50
C LEU A 282 31.50 5.50 -10.58
N GLN A 283 31.75 5.04 -11.81
CA GLN A 283 32.74 3.99 -11.97
C GLN A 283 34.15 4.56 -11.89
N GLU A 284 34.40 5.62 -12.66
CA GLU A 284 35.71 6.26 -12.60
C GLU A 284 36.01 6.72 -11.18
N VAL A 285 35.16 7.63 -10.73
CA VAL A 285 35.32 8.22 -9.41
C VAL A 285 35.42 7.16 -8.31
N GLY A 286 34.49 6.22 -8.29
CA GLY A 286 34.38 5.22 -7.26
C GLY A 286 35.32 4.03 -7.42
N LYS A 287 36.10 3.99 -8.49
CA LYS A 287 37.04 2.90 -8.72
C LYS A 287 36.33 1.56 -8.77
N LEU A 288 35.09 1.58 -9.28
CA LEU A 288 34.33 0.33 -9.26
C LEU A 288 34.70 -0.56 -10.44
N GLU A 289 34.40 -1.85 -10.31
CA GLU A 289 34.57 -2.82 -11.37
C GLU A 289 33.30 -2.81 -12.21
N GLU A 290 33.40 -3.20 -13.47
CA GLU A 290 32.21 -3.17 -14.32
C GLU A 290 31.19 -4.21 -13.89
N LYS A 291 31.67 -5.36 -13.40
CA LYS A 291 30.80 -6.45 -12.96
C LYS A 291 29.96 -5.97 -11.78
N GLU A 292 30.66 -5.38 -10.82
CA GLU A 292 30.08 -4.74 -9.66
C GLU A 292 28.96 -3.76 -10.06
N MET A 293 29.34 -2.75 -10.81
CA MET A 293 28.47 -1.72 -11.34
C MET A 293 27.16 -2.29 -11.87
N PHE A 294 27.25 -3.34 -12.67
CA PHE A 294 26.17 -4.04 -13.33
C PHE A 294 25.38 -4.93 -12.37
N ASN A 295 25.82 -4.98 -11.14
CA ASN A 295 25.22 -5.76 -10.07
C ASN A 295 24.59 -4.83 -9.05
N ILE A 296 24.56 -3.55 -9.41
CA ILE A 296 24.00 -2.50 -8.58
C ILE A 296 23.13 -1.52 -9.36
N PHE A 297 23.71 -0.97 -10.41
CA PHE A 297 23.11 0.02 -11.30
C PHE A 297 22.52 -0.63 -12.54
N ASN A 298 21.51 0.02 -13.12
CA ASN A 298 20.84 -0.41 -14.35
C ASN A 298 21.74 -0.20 -15.57
N MET A 299 22.63 0.78 -15.47
CA MET A 299 23.63 1.08 -16.48
C MET A 299 23.01 1.56 -17.79
N GLY A 300 21.87 2.24 -17.72
CA GLY A 300 21.19 2.79 -18.87
C GLY A 300 19.98 2.03 -19.34
N ILE A 301 19.69 0.84 -18.81
CA ILE A 301 18.51 0.13 -19.30
C ILE A 301 17.58 -0.21 -18.13
N GLY A 302 16.39 0.34 -18.10
CA GLY A 302 15.43 0.21 -17.02
C GLY A 302 14.60 -1.05 -17.09
N MET A 303 14.37 -1.57 -18.29
CA MET A 303 13.59 -2.78 -18.44
C MET A 303 13.99 -3.58 -19.68
N VAL A 304 13.98 -4.90 -19.50
CA VAL A 304 14.39 -5.85 -20.51
C VAL A 304 13.26 -6.78 -20.88
N VAL A 305 13.12 -7.10 -22.17
CA VAL A 305 12.04 -7.99 -22.60
C VAL A 305 12.50 -8.98 -23.65
N ALA A 306 12.40 -10.27 -23.35
CA ALA A 306 12.75 -11.34 -24.30
C ALA A 306 11.69 -11.42 -25.39
N VAL A 307 12.15 -11.57 -26.62
CA VAL A 307 11.32 -11.46 -27.82
C VAL A 307 11.80 -12.49 -28.83
N LYS A 308 11.03 -12.80 -29.86
CA LYS A 308 11.49 -13.70 -30.93
C LYS A 308 12.48 -12.95 -31.80
N GLU A 309 13.27 -13.62 -32.62
CA GLU A 309 14.24 -12.86 -33.43
C GLU A 309 13.59 -12.12 -34.59
N GLU A 310 12.56 -12.72 -35.18
CA GLU A 310 11.78 -12.26 -36.31
C GLU A 310 10.94 -11.02 -36.05
N ASP A 311 10.71 -10.64 -34.80
CA ASP A 311 9.88 -9.48 -34.48
C ASP A 311 10.73 -8.32 -33.97
N ALA A 312 11.87 -8.68 -33.42
CA ALA A 312 12.85 -7.88 -32.72
C ALA A 312 12.95 -6.46 -33.25
N LYS A 313 12.84 -6.28 -34.56
CA LYS A 313 13.06 -5.00 -35.21
C LYS A 313 11.75 -4.23 -35.36
N ASP A 314 10.67 -4.99 -35.51
CA ASP A 314 9.38 -4.27 -35.53
C ASP A 314 9.22 -3.68 -34.13
N ILE A 315 9.22 -4.55 -33.13
CA ILE A 315 9.08 -4.19 -31.73
C ILE A 315 9.89 -2.96 -31.36
N VAL A 316 11.14 -2.90 -31.84
CA VAL A 316 11.99 -1.76 -31.51
C VAL A 316 11.33 -0.44 -31.89
N ARG A 317 10.54 -0.44 -32.96
CA ARG A 317 9.99 0.80 -33.49
C ARG A 317 8.62 1.12 -32.89
N LEU A 318 7.90 0.05 -32.54
CA LEU A 318 6.62 0.22 -31.85
C LEU A 318 6.87 0.98 -30.55
N LEU A 319 7.93 0.56 -29.88
CA LEU A 319 8.35 1.11 -28.60
C LEU A 319 8.80 2.56 -28.74
N GLU A 320 9.60 2.83 -29.76
CA GLU A 320 10.04 4.18 -30.08
C GLU A 320 8.89 5.01 -30.62
N GLU A 321 7.91 4.36 -31.23
CA GLU A 321 6.70 5.06 -31.66
C GLU A 321 5.86 5.38 -30.43
N GLN A 322 6.19 4.67 -29.35
CA GLN A 322 5.54 4.88 -28.07
C GLN A 322 6.13 6.08 -27.35
N GLY A 323 7.40 6.35 -27.63
CA GLY A 323 8.13 7.48 -27.08
C GLY A 323 9.30 7.01 -26.23
N GLU A 324 9.65 5.74 -26.41
CA GLU A 324 10.73 5.10 -25.67
C GLU A 324 11.97 4.90 -26.55
N THR A 325 13.08 4.60 -25.89
CA THR A 325 14.35 4.35 -26.57
C THR A 325 14.66 2.86 -26.41
N ALA A 326 14.63 2.15 -27.54
CA ALA A 326 14.64 0.70 -27.47
C ALA A 326 15.72 0.14 -28.39
N ARG A 327 16.50 -0.78 -27.83
CA ARG A 327 17.72 -1.30 -28.40
C ARG A 327 17.83 -2.81 -28.30
N ILE A 328 18.24 -3.44 -29.42
CA ILE A 328 18.51 -4.88 -29.26
C ILE A 328 19.72 -4.98 -28.34
N ILE A 329 19.54 -5.56 -27.16
CA ILE A 329 20.60 -5.46 -26.16
C ILE A 329 21.37 -6.75 -26.02
N GLY A 330 20.95 -7.82 -26.67
CA GLY A 330 21.72 -9.04 -26.36
C GLY A 330 20.94 -10.30 -26.69
N ARG A 331 21.21 -11.41 -26.00
CA ARG A 331 20.54 -12.63 -26.43
C ARG A 331 20.59 -13.76 -25.42
N THR A 332 19.73 -14.73 -25.71
CA THR A 332 19.47 -15.88 -24.87
C THR A 332 20.25 -17.09 -25.39
N VAL A 333 20.89 -17.77 -24.46
CA VAL A 333 21.70 -18.95 -24.75
C VAL A 333 21.42 -20.07 -23.76
N GLN A 334 21.99 -21.22 -24.05
CA GLN A 334 22.03 -22.31 -23.08
C GLN A 334 23.06 -21.93 -22.01
N GLY A 335 22.73 -22.08 -20.73
CA GLY A 335 23.65 -21.73 -19.68
C GLY A 335 22.99 -21.18 -18.43
N ALA A 336 23.63 -20.21 -17.78
CA ALA A 336 23.08 -19.65 -16.56
C ALA A 336 23.59 -18.23 -16.29
N GLY A 337 22.66 -17.40 -15.80
CA GLY A 337 22.93 -16.04 -15.41
C GLY A 337 23.01 -15.06 -16.57
N VAL A 338 24.01 -14.18 -16.50
CA VAL A 338 24.27 -13.14 -17.49
C VAL A 338 25.76 -13.11 -17.83
N THR A 339 26.03 -12.93 -19.11
CA THR A 339 27.37 -12.81 -19.66
C THR A 339 27.38 -11.65 -20.68
N PHE A 340 28.46 -10.90 -20.68
CA PHE A 340 28.67 -9.75 -21.54
C PHE A 340 29.71 -10.02 -22.63
N ASN A 341 29.81 -9.09 -23.57
CA ASN A 341 30.75 -9.24 -24.68
C ASN A 341 31.22 -7.90 -25.22
N ILE B 12 23.93 -11.23 6.85
CA ILE B 12 23.78 -12.67 7.07
C ILE B 12 22.60 -13.23 6.29
N GLU B 13 22.90 -13.77 5.12
CA GLU B 13 21.92 -14.38 4.24
C GLU B 13 21.39 -15.72 4.76
N ALA B 14 22.11 -16.35 5.68
CA ALA B 14 21.65 -17.59 6.30
C ALA B 14 20.52 -17.29 7.29
N GLY B 15 20.82 -16.40 8.23
CA GLY B 15 19.79 -15.91 9.15
C GLY B 15 18.58 -15.39 8.39
N TYR B 16 18.76 -14.87 7.18
CA TYR B 16 17.59 -14.40 6.44
C TYR B 16 16.82 -15.55 5.81
N GLU B 17 17.53 -16.63 5.51
CA GLU B 17 16.96 -17.87 5.01
C GLU B 17 15.89 -18.40 5.95
N ALA B 18 16.36 -18.78 7.14
CA ALA B 18 15.57 -19.21 8.27
C ALA B 18 14.62 -18.13 8.78
N VAL B 19 14.76 -16.90 8.29
CA VAL B 19 13.88 -15.77 8.55
C VAL B 19 12.73 -15.77 7.55
N SER B 20 13.01 -16.27 6.35
CA SER B 20 12.03 -16.39 5.28
C SER B 20 11.10 -17.56 5.53
N ARG B 21 11.67 -18.74 5.79
CA ARG B 21 10.88 -19.91 6.15
C ARG B 21 9.95 -19.58 7.33
N MET B 22 10.42 -18.70 8.21
CA MET B 22 9.64 -18.21 9.35
C MET B 22 8.24 -17.79 8.91
N LYS B 23 8.11 -17.25 7.70
CA LYS B 23 6.81 -16.87 7.18
C LYS B 23 6.12 -18.05 6.47
N LYS B 24 5.67 -18.94 7.31
CA LYS B 24 4.70 -20.00 7.25
C LYS B 24 3.50 -19.51 8.08
N HIS B 25 3.66 -18.26 8.46
CA HIS B 25 2.74 -17.37 9.10
C HIS B 25 1.78 -16.81 8.05
N VAL B 26 2.38 -16.36 6.95
CA VAL B 26 1.57 -15.78 5.88
C VAL B 26 0.57 -16.81 5.37
N GLN B 27 1.00 -18.06 5.19
CA GLN B 27 0.12 -19.12 4.70
C GLN B 27 -1.06 -19.33 5.65
N THR B 28 -0.92 -18.92 6.89
CA THR B 28 -1.96 -18.99 7.91
C THR B 28 -3.08 -17.99 7.64
N THR B 29 -2.88 -17.17 6.62
CA THR B 29 -3.79 -16.18 6.09
C THR B 29 -4.31 -16.61 4.73
N MET B 30 -3.69 -17.62 4.13
CA MET B 30 -4.00 -17.87 2.72
C MET B 30 -5.46 -18.29 2.51
N ARG B 31 -5.91 -17.96 1.31
CA ARG B 31 -7.19 -18.32 0.73
C ARG B 31 -6.97 -19.08 -0.59
N LYS B 32 -8.05 -19.68 -1.08
CA LYS B 32 -7.90 -20.48 -2.30
C LYS B 32 -7.46 -19.65 -3.49
N GLU B 33 -8.05 -18.48 -3.62
CA GLU B 33 -7.98 -17.57 -4.76
C GLU B 33 -6.57 -17.14 -5.10
N VAL B 34 -5.70 -17.32 -4.12
CA VAL B 34 -4.31 -16.94 -4.26
C VAL B 34 -3.52 -17.87 -5.15
N LEU B 35 -3.14 -17.31 -6.29
CA LEU B 35 -2.30 -17.97 -7.27
C LEU B 35 -0.84 -17.86 -6.82
N GLY B 36 -0.62 -18.42 -5.66
CA GLY B 36 0.49 -18.54 -4.77
C GLY B 36 1.87 -18.29 -5.31
N GLY B 37 2.55 -17.31 -4.72
CA GLY B 37 3.96 -17.07 -4.99
C GLY B 37 4.81 -17.86 -4.00
N LEU B 38 5.30 -17.17 -2.97
CA LEU B 38 6.11 -17.81 -1.94
C LEU B 38 5.29 -18.83 -1.17
N GLY B 39 4.91 -18.51 0.08
CA GLY B 39 4.03 -19.39 0.83
C GLY B 39 2.59 -19.12 0.36
N GLY B 40 2.52 -18.04 -0.38
CA GLY B 40 1.49 -17.27 -1.00
C GLY B 40 1.96 -15.82 -1.14
N PHE B 41 3.06 -15.49 -0.44
CA PHE B 41 3.64 -14.17 -0.61
C PHE B 41 4.01 -13.93 -2.07
N GLY B 42 3.69 -12.76 -2.60
CA GLY B 42 4.02 -12.34 -3.95
C GLY B 42 3.01 -12.80 -4.98
N GLY B 43 2.08 -13.67 -4.59
CA GLY B 43 1.15 -14.19 -5.57
C GLY B 43 0.11 -13.19 -6.03
N MET B 44 -0.79 -13.70 -6.87
CA MET B 44 -1.90 -12.93 -7.37
C MET B 44 -3.22 -13.43 -6.78
N PHE B 45 -4.26 -12.62 -6.94
CA PHE B 45 -5.61 -12.96 -6.53
C PHE B 45 -6.54 -13.14 -7.71
N ASP B 46 -6.99 -14.37 -7.88
CA ASP B 46 -7.97 -14.79 -8.88
C ASP B 46 -9.34 -14.19 -8.65
N LEU B 47 -9.97 -13.61 -9.66
CA LEU B 47 -11.31 -13.05 -9.56
C LEU B 47 -12.32 -13.74 -10.49
N GLU B 53 -19.82 -10.76 -9.20
CA GLU B 53 -20.69 -10.81 -10.37
C GLU B 53 -20.41 -9.62 -11.28
N GLU B 54 -21.05 -8.52 -10.89
CA GLU B 54 -20.88 -7.17 -11.40
C GLU B 54 -19.84 -6.46 -10.53
N PRO B 55 -18.59 -6.82 -10.71
CA PRO B 55 -17.55 -6.62 -9.70
C PRO B 55 -17.01 -5.21 -9.58
N VAL B 56 -17.10 -4.74 -8.33
CA VAL B 56 -16.60 -3.45 -7.90
C VAL B 56 -15.59 -3.63 -6.76
N LEU B 57 -14.46 -2.97 -6.92
CA LEU B 57 -13.38 -3.00 -5.96
C LEU B 57 -13.44 -1.79 -5.03
N VAL B 58 -13.19 -2.10 -3.77
CA VAL B 58 -13.14 -1.23 -2.61
C VAL B 58 -11.74 -1.30 -2.01
N SER B 59 -11.06 -0.17 -1.93
CA SER B 59 -9.67 -0.23 -1.45
C SER B 59 -9.51 0.67 -0.23
N GLY B 60 -8.50 0.41 0.58
CA GLY B 60 -8.26 1.21 1.77
C GLY B 60 -6.80 1.09 2.18
N THR B 61 -6.32 2.06 2.92
CA THR B 61 -4.99 2.12 3.51
C THR B 61 -5.06 2.82 4.88
N ASP B 62 -4.20 2.43 5.81
CA ASP B 62 -4.18 3.06 7.12
C ASP B 62 -2.84 2.98 7.82
N GLY B 63 -2.18 4.12 8.02
CA GLY B 63 -0.90 4.15 8.72
C GLY B 63 -1.12 4.22 10.22
N GLY B 65 -1.37 3.89 14.47
CA GLY B 65 -1.55 5.27 14.91
C GLY B 65 -0.55 5.63 16.00
N THR B 66 -0.94 6.50 16.93
CA THR B 66 -0.09 6.88 18.07
C THR B 66 -0.07 5.74 19.09
N LYS B 67 -0.95 4.78 18.85
CA LYS B 67 -1.02 3.56 19.65
C LYS B 67 0.27 2.77 19.59
N LEU B 68 1.12 3.04 18.60
CA LEU B 68 2.39 2.32 18.47
C LEU B 68 3.33 2.57 19.65
N MET B 69 3.24 3.77 20.20
CA MET B 69 4.05 4.18 21.33
C MET B 69 4.09 3.13 22.44
N LEU B 70 2.95 2.50 22.72
CA LEU B 70 2.98 1.48 23.77
C LEU B 70 3.94 0.34 23.39
N ALA B 71 3.91 -0.03 22.12
CA ALA B 71 4.68 -1.14 21.60
C ALA B 71 6.18 -0.90 21.69
N PHE B 72 6.62 0.30 21.34
CA PHE B 72 8.04 0.61 21.44
C PHE B 72 8.56 0.36 22.85
N MET B 73 7.88 0.94 23.83
CA MET B 73 8.14 0.77 25.25
C MET B 73 8.03 -0.68 25.70
N ALA B 74 6.85 -1.27 25.59
CA ALA B 74 6.64 -2.64 26.06
C ALA B 74 7.47 -3.66 25.30
N ASP B 75 8.02 -3.25 24.15
CA ASP B 75 8.80 -4.19 23.35
C ASP B 75 8.00 -5.43 22.99
N LYS B 76 6.70 -5.25 22.84
CA LYS B 76 5.74 -6.33 22.56
C LYS B 76 4.98 -6.01 21.27
N HIS B 77 5.26 -6.76 20.21
CA HIS B 77 4.81 -6.38 18.87
C HIS B 77 3.95 -7.40 18.16
N ASP B 78 3.56 -8.50 18.78
CA ASP B 78 2.79 -9.56 18.13
C ASP B 78 1.31 -9.23 17.97
N THR B 79 0.85 -8.15 18.59
CA THR B 79 -0.57 -7.80 18.48
C THR B 79 -0.84 -6.43 17.89
N ILE B 80 0.20 -5.62 17.66
CA ILE B 80 -0.06 -4.27 17.14
C ILE B 80 -0.50 -4.29 15.68
N GLY B 81 -0.36 -5.41 15.00
CA GLY B 81 -0.61 -5.57 13.57
C GLY B 81 -2.01 -6.04 13.25
N ILE B 82 -2.77 -6.39 14.27
CA ILE B 82 -4.19 -6.70 14.21
C ILE B 82 -4.98 -5.40 14.09
N ASP B 83 -4.61 -4.46 14.95
CA ASP B 83 -5.21 -3.14 14.98
C ASP B 83 -5.20 -2.54 13.58
N ALA B 84 -4.01 -2.56 13.01
CA ALA B 84 -3.74 -2.16 11.64
C ALA B 84 -4.71 -2.85 10.69
N VAL B 85 -4.64 -4.18 10.68
CA VAL B 85 -5.51 -4.95 9.79
C VAL B 85 -6.96 -4.52 10.07
N ALA B 86 -7.28 -4.52 11.35
CA ALA B 86 -8.53 -4.01 11.89
C ALA B 86 -8.93 -2.66 11.31
N MET B 87 -8.07 -1.66 11.45
CA MET B 87 -8.43 -0.32 11.01
C MET B 87 -8.59 -0.20 9.50
N CYS B 88 -8.11 -1.18 8.74
CA CYS B 88 -8.23 -1.15 7.29
C CYS B 88 -9.49 -1.85 6.81
N VAL B 89 -9.56 -3.10 7.21
CA VAL B 89 -10.64 -4.01 6.82
C VAL B 89 -11.99 -3.66 7.41
N ASN B 90 -12.04 -3.05 8.59
CA ASN B 90 -13.37 -2.76 9.16
C ASN B 90 -14.06 -1.71 8.32
N ASP B 91 -13.26 -0.86 7.68
CA ASP B 91 -13.82 0.25 6.91
C ASP B 91 -14.26 -0.19 5.50
N ILE B 92 -13.71 -1.30 5.04
CA ILE B 92 -14.14 -1.83 3.75
C ILE B 92 -15.43 -2.62 3.90
N VAL B 93 -15.57 -3.35 5.01
CA VAL B 93 -16.69 -4.26 5.20
C VAL B 93 -17.98 -3.54 5.57
N VAL B 94 -17.85 -2.35 6.13
CA VAL B 94 -18.90 -1.41 6.46
C VAL B 94 -19.56 -0.86 5.21
N GLN B 95 -18.90 -1.09 4.07
CA GLN B 95 -19.48 -0.67 2.80
C GLN B 95 -19.99 -1.92 2.08
N GLY B 96 -20.09 -2.97 2.88
CA GLY B 96 -20.55 -4.31 2.60
C GLY B 96 -19.63 -5.06 1.67
N ALA B 97 -18.37 -4.66 1.60
CA ALA B 97 -17.33 -5.23 0.76
C ALA B 97 -16.59 -6.39 1.41
N GLU B 98 -16.22 -7.37 0.60
CA GLU B 98 -15.49 -8.53 1.10
C GLU B 98 -13.99 -8.39 0.85
N PRO B 99 -13.26 -8.24 1.95
CA PRO B 99 -11.80 -8.15 1.95
C PRO B 99 -11.14 -9.42 1.39
N LEU B 100 -10.20 -9.21 0.47
CA LEU B 100 -9.56 -10.26 -0.30
C LEU B 100 -8.09 -10.47 0.08
N PHE B 101 -7.36 -9.35 0.16
CA PHE B 101 -5.93 -9.52 0.45
C PHE B 101 -5.38 -8.30 1.16
N PHE B 102 -4.20 -8.45 1.73
CA PHE B 102 -3.57 -7.45 2.56
C PHE B 102 -2.10 -7.26 2.18
N LEU B 103 -1.64 -6.02 2.16
CA LEU B 103 -0.25 -5.64 1.93
C LEU B 103 0.23 -4.83 3.14
N ASP B 104 1.44 -5.10 3.61
CA ASP B 104 1.95 -4.34 4.77
C ASP B 104 3.22 -3.60 4.39
N TYR B 105 3.43 -2.46 5.01
CA TYR B 105 4.66 -1.68 4.84
C TYR B 105 5.20 -1.34 6.23
N ILE B 106 6.34 -1.92 6.57
CA ILE B 106 6.95 -1.65 7.87
C ILE B 106 8.20 -0.78 7.72
N ALA B 107 8.05 0.52 7.99
CA ALA B 107 9.20 1.41 7.89
C ALA B 107 10.12 1.13 9.07
N CYS B 108 11.39 0.91 8.75
CA CYS B 108 12.30 0.33 9.72
C CYS B 108 13.65 0.99 9.75
N GLY B 109 14.16 1.22 10.96
CA GLY B 109 15.57 1.63 11.03
C GLY B 109 16.40 0.47 10.45
N LYS B 110 16.82 -0.42 11.34
CA LYS B 110 17.54 -1.64 11.04
C LYS B 110 16.71 -2.86 11.43
N ALA B 111 16.22 -3.61 10.44
CA ALA B 111 15.31 -4.71 10.75
C ALA B 111 15.92 -5.69 11.75
N GLU B 112 15.27 -5.74 12.90
CA GLU B 112 15.42 -6.73 13.95
C GLU B 112 14.62 -7.97 13.56
N PRO B 113 15.33 -8.94 12.97
CA PRO B 113 14.76 -10.11 12.32
C PRO B 113 13.63 -10.77 13.12
N SER B 114 13.75 -10.70 14.43
CA SER B 114 12.79 -11.20 15.40
C SER B 114 11.60 -10.27 15.53
N LYS B 115 11.90 -8.98 15.54
CA LYS B 115 10.86 -7.96 15.68
C LYS B 115 9.93 -7.99 14.47
N ILE B 116 10.54 -7.92 13.29
CA ILE B 116 9.83 -8.00 12.02
C ILE B 116 8.85 -9.17 12.04
N GLU B 117 9.37 -10.37 12.24
CA GLU B 117 8.62 -11.61 12.34
C GLU B 117 7.52 -11.53 13.38
N ASN B 118 7.87 -10.95 14.55
CA ASN B 118 6.83 -10.74 15.55
C ASN B 118 5.72 -9.88 14.95
N ILE B 119 6.07 -8.69 14.46
CA ILE B 119 5.03 -7.82 13.90
C ILE B 119 4.25 -8.51 12.79
N VAL B 120 4.88 -9.36 11.98
CA VAL B 120 4.08 -10.00 10.94
C VAL B 120 3.31 -11.21 11.47
N LYS B 121 3.64 -11.68 12.67
CA LYS B 121 2.90 -12.70 13.39
C LYS B 121 1.50 -12.21 13.76
N GLY B 122 1.42 -10.93 14.07
CA GLY B 122 0.23 -10.16 14.39
C GLY B 122 -0.56 -9.71 13.18
N ILE B 123 0.10 -9.43 12.06
CA ILE B 123 -0.56 -9.06 10.82
C ILE B 123 -1.30 -10.23 10.21
N SER B 124 -0.67 -11.41 10.27
CA SER B 124 -1.26 -12.63 9.75
C SER B 124 -2.39 -13.11 10.65
N GLU B 125 -2.47 -12.66 11.90
CA GLU B 125 -3.57 -13.01 12.79
C GLU B 125 -4.81 -12.14 12.56
N GLY B 126 -4.60 -10.86 12.24
CA GLY B 126 -5.73 -10.03 11.83
C GLY B 126 -6.23 -10.43 10.45
N CYS B 127 -5.31 -10.87 9.59
CA CYS B 127 -5.65 -11.32 8.24
C CYS B 127 -6.50 -12.57 8.26
N ARG B 128 -6.15 -13.50 9.16
CA ARG B 128 -6.95 -14.72 9.32
C ARG B 128 -8.35 -14.34 9.75
N GLN B 129 -8.41 -13.57 10.84
CA GLN B 129 -9.69 -13.12 11.38
C GLN B 129 -10.45 -12.31 10.35
N ALA B 130 -9.79 -11.31 9.76
CA ALA B 130 -10.53 -10.54 8.74
C ALA B 130 -10.86 -11.41 7.54
N GLY B 131 -10.16 -12.53 7.38
CA GLY B 131 -10.45 -13.47 6.31
C GLY B 131 -9.98 -12.95 4.96
N CYS B 132 -8.74 -12.48 4.94
CA CYS B 132 -8.07 -12.00 3.74
C CYS B 132 -6.62 -12.47 3.72
N ALA B 133 -6.07 -12.66 2.53
CA ALA B 133 -4.69 -13.13 2.44
C ALA B 133 -3.67 -12.01 2.52
N LEU B 134 -2.55 -12.31 3.18
CA LEU B 134 -1.36 -11.47 3.21
C LEU B 134 -0.51 -11.80 2.00
N ILE B 135 -0.86 -11.20 0.87
CA ILE B 135 -0.21 -11.51 -0.39
C ILE B 135 1.10 -10.73 -0.54
N GLY B 136 1.36 -9.79 0.37
CA GLY B 136 2.60 -9.04 0.14
C GLY B 136 2.95 -8.08 1.25
N GLY B 137 3.99 -7.27 0.99
CA GLY B 137 4.39 -6.28 1.94
C GLY B 137 5.88 -6.08 2.07
N GLU B 138 6.31 -5.15 2.93
CA GLU B 138 7.75 -4.97 3.03
C GLU B 138 8.21 -4.19 4.26
N THR B 139 9.43 -4.54 4.63
CA THR B 139 10.24 -3.95 5.67
C THR B 139 11.26 -3.00 5.08
N ALA B 140 11.13 -1.73 5.44
CA ALA B 140 12.05 -0.74 4.88
C ALA B 140 13.23 -0.50 5.81
N GLU B 141 14.43 -0.85 5.36
CA GLU B 141 15.62 -0.38 6.07
C GLU B 141 15.83 1.10 5.73
N MET B 142 15.49 1.96 6.67
CA MET B 142 15.66 3.40 6.53
C MET B 142 16.67 3.88 7.58
N PRO B 143 17.93 3.79 7.20
CA PRO B 143 19.06 4.09 8.07
C PRO B 143 19.17 5.55 8.48
N GLY B 144 18.63 5.93 9.63
CA GLY B 144 18.73 7.30 10.11
C GLY B 144 17.49 7.82 10.79
N MET B 145 16.33 7.71 10.15
CA MET B 145 15.09 8.23 10.72
C MET B 145 14.84 7.69 12.13
N TYR B 146 15.17 6.42 12.31
CA TYR B 146 15.04 5.69 13.56
C TYR B 146 16.37 5.03 13.94
N THR B 148 14.93 5.09 17.66
CA THR B 148 15.83 3.93 17.66
C THR B 148 15.07 2.64 17.95
N GLU B 149 14.13 2.71 18.88
CA GLU B 149 13.28 1.58 19.23
C GLU B 149 11.95 1.65 18.49
N GLU B 150 11.92 2.43 17.42
CA GLU B 150 10.67 2.68 16.73
C GLU B 150 10.62 2.06 15.33
N TYR B 151 9.40 2.02 14.83
CA TYR B 151 9.06 1.60 13.49
C TYR B 151 7.67 2.13 13.16
N ASP B 152 7.37 2.28 11.88
CA ASP B 152 6.00 2.62 11.52
C ASP B 152 5.38 1.48 10.72
N LEU B 153 4.09 1.24 11.00
CA LEU B 153 3.40 0.15 10.34
C LEU B 153 2.23 0.65 9.51
N ALA B 154 2.26 0.35 8.21
CA ALA B 154 1.18 0.72 7.32
C ALA B 154 0.49 -0.51 6.76
N GLY B 155 -0.74 -0.31 6.28
CA GLY B 155 -1.52 -1.39 5.74
C GLY B 155 -2.31 -0.92 4.53
N PHE B 156 -2.54 -1.83 3.61
CA PHE B 156 -3.28 -1.65 2.37
C PHE B 156 -4.25 -2.81 2.18
N THR B 157 -5.48 -2.53 1.74
CA THR B 157 -6.47 -3.58 1.54
C THR B 157 -7.33 -3.33 0.30
N VAL B 158 -7.80 -4.42 -0.26
CA VAL B 158 -8.69 -4.52 -1.40
C VAL B 158 -9.86 -5.44 -1.06
N GLY B 159 -11.07 -4.96 -1.30
CA GLY B 159 -12.29 -5.70 -1.05
C GLY B 159 -13.16 -5.78 -2.27
N ILE B 160 -14.17 -6.66 -2.28
CA ILE B 160 -14.98 -6.65 -3.49
C ILE B 160 -16.46 -6.57 -3.12
N VAL B 161 -17.22 -6.00 -4.03
CA VAL B 161 -18.64 -5.82 -3.75
C VAL B 161 -19.43 -5.82 -5.06
N ASP B 162 -20.69 -6.24 -4.99
CA ASP B 162 -21.55 -6.10 -6.15
C ASP B 162 -22.22 -4.72 -6.10
N LYS B 163 -22.01 -3.93 -7.13
CA LYS B 163 -22.45 -2.56 -7.32
C LYS B 163 -23.76 -2.27 -6.58
N LYS B 164 -24.81 -2.95 -6.98
CA LYS B 164 -26.17 -2.77 -6.47
C LYS B 164 -26.32 -3.27 -5.05
N LYS B 165 -25.24 -3.84 -4.52
CA LYS B 165 -25.21 -4.34 -3.16
C LYS B 165 -24.39 -3.45 -2.23
N ILE B 166 -23.78 -2.38 -2.73
CA ILE B 166 -23.01 -1.53 -1.81
C ILE B 166 -23.93 -0.91 -0.78
N VAL B 167 -23.61 -1.04 0.52
CA VAL B 167 -24.49 -0.33 1.44
C VAL B 167 -23.84 1.03 1.76
N THR B 168 -24.55 2.03 1.25
CA THR B 168 -24.32 3.44 1.41
C THR B 168 -25.65 4.09 1.82
N GLY B 169 -25.97 3.90 3.08
CA GLY B 169 -27.04 4.20 3.95
C GLY B 169 -28.13 5.15 3.53
N GLU B 170 -28.37 5.31 2.24
CA GLU B 170 -29.42 6.20 1.76
C GLU B 170 -30.78 5.51 1.90
N LYS B 171 -30.74 4.27 2.37
CA LYS B 171 -31.95 3.51 2.67
C LYS B 171 -32.21 3.64 4.17
N ILE B 172 -31.52 4.62 4.73
CA ILE B 172 -31.69 4.98 6.14
C ILE B 172 -32.94 5.85 6.25
N GLU B 173 -33.98 5.24 6.82
CA GLU B 173 -35.26 5.89 7.03
C GLU B 173 -35.49 6.09 8.53
N ALA B 174 -36.08 7.22 8.86
CA ALA B 174 -36.32 7.64 10.23
C ALA B 174 -36.82 6.49 11.09
N GLY B 175 -36.28 6.34 12.30
CA GLY B 175 -36.74 5.34 13.23
C GLY B 175 -36.13 3.96 13.09
N HIS B 176 -35.17 3.76 12.19
CA HIS B 176 -34.63 2.40 12.10
C HIS B 176 -33.94 2.02 13.40
N VAL B 177 -33.96 0.74 13.75
CA VAL B 177 -33.22 0.40 14.97
C VAL B 177 -31.72 0.43 14.66
N LEU B 178 -30.98 1.00 15.59
CA LEU B 178 -29.53 1.11 15.51
C LEU B 178 -28.89 -0.01 16.31
N ILE B 179 -28.04 -0.83 15.67
CA ILE B 179 -27.37 -1.89 16.43
C ILE B 179 -25.91 -1.53 16.63
N GLY B 180 -25.42 -1.81 17.84
CA GLY B 180 -24.05 -1.50 18.19
C GLY B 180 -23.29 -2.75 18.60
N LEU B 181 -22.18 -2.99 17.93
CA LEU B 181 -21.32 -4.14 18.20
C LEU B 181 -20.13 -3.74 19.07
N ALA B 182 -19.89 -4.56 20.08
CA ALA B 182 -19.02 -4.39 21.22
C ALA B 182 -17.52 -4.40 20.92
N SER B 183 -16.90 -3.32 21.35
CA SER B 183 -15.50 -3.00 21.36
C SER B 183 -14.81 -3.63 22.57
N SER B 184 -13.50 -3.77 22.46
CA SER B 184 -12.60 -4.40 23.37
C SER B 184 -11.90 -3.40 24.28
N GLY B 185 -12.00 -2.14 23.87
CA GLY B 185 -11.45 -1.01 24.59
C GLY B 185 -11.37 0.21 23.70
N ILE B 186 -10.28 0.94 23.79
CA ILE B 186 -9.97 2.13 23.03
C ILE B 186 -10.06 1.87 21.54
N HIS B 187 -9.44 0.75 21.17
CA HIS B 187 -9.21 0.34 19.81
C HIS B 187 -7.99 1.08 19.26
N SER B 188 -8.15 1.95 18.27
CA SER B 188 -6.98 2.60 17.70
C SER B 188 -6.99 4.12 17.82
N ASN B 189 -7.96 4.70 18.54
CA ASN B 189 -8.07 6.16 18.59
C ASN B 189 -8.12 6.69 20.02
N GLY B 190 -7.61 7.88 20.25
CA GLY B 190 -7.72 8.53 21.56
C GLY B 190 -6.42 8.44 22.34
N TYR B 191 -5.59 7.49 21.93
CA TYR B 191 -4.32 7.13 22.53
C TYR B 191 -3.41 8.32 22.79
N SER B 192 -3.64 9.50 22.22
CA SER B 192 -2.86 10.68 22.63
C SER B 192 -3.50 11.32 23.86
N LEU B 193 -4.83 11.31 23.93
CA LEU B 193 -5.50 11.87 25.09
C LEU B 193 -5.33 10.95 26.30
N VAL B 194 -5.28 9.65 26.05
CA VAL B 194 -5.02 8.63 27.05
C VAL B 194 -3.71 8.87 27.82
N ARG B 195 -2.65 9.04 27.05
CA ARG B 195 -1.30 9.34 27.50
C ARG B 195 -1.24 10.66 28.24
N LYS B 196 -1.79 11.74 27.67
CA LYS B 196 -1.71 13.01 28.39
C LYS B 196 -2.46 12.90 29.72
N VAL B 197 -3.66 12.34 29.66
CA VAL B 197 -4.44 12.07 30.86
C VAL B 197 -3.65 11.23 31.85
N LEU B 198 -3.01 10.16 31.38
CA LEU B 198 -2.17 9.34 32.24
C LEU B 198 -0.67 9.56 31.98
N LEU B 199 -0.33 10.83 31.80
CA LEU B 199 0.93 11.55 31.84
C LEU B 199 0.76 12.69 32.85
N GLU B 200 -0.51 13.11 32.95
CA GLU B 200 -0.98 14.01 33.97
C GLU B 200 -1.07 13.24 35.30
N ASP B 201 -1.15 11.91 35.19
CA ASP B 201 -1.38 11.07 36.36
C ASP B 201 -0.21 10.13 36.65
N GLY B 202 -0.46 8.85 36.49
CA GLY B 202 0.50 7.79 36.68
C GLY B 202 -0.09 6.47 36.20
N PRO B 216 -4.16 -4.64 34.48
CA PRO B 216 -3.12 -3.60 34.46
C PRO B 216 -3.28 -2.64 33.29
N LEU B 217 -2.78 -1.44 33.52
CA LEU B 217 -2.93 -0.34 32.56
C LEU B 217 -2.56 -0.78 31.15
N GLY B 218 -1.29 -1.00 30.90
CA GLY B 218 -0.73 -1.41 29.64
C GLY B 218 -1.27 -2.65 29.00
N GLU B 219 -1.78 -3.64 29.73
CA GLU B 219 -2.33 -4.80 29.02
C GLU B 219 -3.66 -4.42 28.39
N GLU B 220 -4.35 -3.48 29.03
CA GLU B 220 -5.65 -3.06 28.52
C GLU B 220 -5.47 -2.13 27.34
N LEU B 221 -4.46 -1.25 27.43
CA LEU B 221 -4.16 -0.27 26.40
C LEU B 221 -3.39 -0.85 25.22
N LEU B 222 -2.98 -2.11 25.37
CA LEU B 222 -2.32 -2.86 24.31
C LEU B 222 -3.31 -3.87 23.75
N LYS B 223 -4.53 -3.79 24.27
CA LYS B 223 -5.64 -4.58 23.76
C LYS B 223 -5.85 -4.24 22.28
N PRO B 224 -5.86 -5.19 21.36
CA PRO B 224 -5.98 -4.86 19.94
C PRO B 224 -7.44 -4.62 19.54
N THR B 225 -7.60 -3.88 18.45
CA THR B 225 -8.86 -3.48 17.87
C THR B 225 -9.62 -4.70 17.33
N LYS B 226 -10.88 -4.81 17.70
CA LYS B 226 -11.71 -5.91 17.23
C LYS B 226 -11.96 -5.80 15.73
N ILE B 227 -12.05 -6.96 15.08
CA ILE B 227 -12.33 -7.05 13.65
C ILE B 227 -13.75 -7.59 13.49
N TYR B 228 -14.57 -6.93 12.68
CA TYR B 228 -15.96 -7.36 12.60
C TYR B 228 -16.29 -7.93 11.23
N VAL B 229 -15.24 -8.15 10.44
CA VAL B 229 -15.46 -8.53 9.04
C VAL B 229 -16.32 -9.77 8.94
N LYS B 230 -15.93 -10.89 9.56
CA LYS B 230 -16.69 -12.13 9.32
C LYS B 230 -18.14 -11.96 9.74
N PRO B 231 -18.43 -11.59 10.98
CA PRO B 231 -19.84 -11.48 11.40
C PRO B 231 -20.68 -10.56 10.52
N ILE B 232 -20.13 -9.49 9.94
CA ILE B 232 -20.98 -8.65 9.08
C ILE B 232 -21.38 -9.43 7.84
N LEU B 233 -20.38 -10.02 7.18
CA LEU B 233 -20.52 -10.75 5.94
C LEU B 233 -21.66 -11.78 6.04
N GLU B 234 -21.67 -12.52 7.14
CA GLU B 234 -22.71 -13.54 7.32
C GLU B 234 -24.02 -12.87 7.69
N LEU B 235 -23.93 -11.65 8.23
CA LEU B 235 -25.09 -10.80 8.47
C LEU B 235 -25.71 -10.36 7.15
N LEU B 236 -24.88 -9.80 6.27
CA LEU B 236 -25.37 -9.33 4.98
C LEU B 236 -25.89 -10.49 4.14
N LYS B 237 -25.32 -11.67 4.36
CA LYS B 237 -25.72 -12.90 3.68
C LYS B 237 -27.14 -13.32 4.08
N ASN B 238 -27.53 -12.88 5.27
CA ASN B 238 -28.82 -13.21 5.84
C ASN B 238 -29.78 -12.04 5.85
N HIS B 239 -29.32 -10.87 6.32
CA HIS B 239 -30.28 -9.78 6.49
C HIS B 239 -30.00 -8.58 5.59
N GLU B 240 -31.05 -7.78 5.45
CA GLU B 240 -31.01 -6.52 4.71
C GLU B 240 -30.48 -5.41 5.62
N VAL B 241 -29.22 -5.03 5.45
CA VAL B 241 -28.52 -4.04 6.27
C VAL B 241 -28.65 -2.64 5.69
N TYR B 242 -29.32 -1.75 6.41
CA TYR B 242 -29.64 -0.43 5.89
C TYR B 242 -28.44 0.50 5.84
N GLY B 243 -27.49 0.33 6.75
CA GLY B 243 -26.29 1.15 6.82
C GLY B 243 -25.39 0.73 7.96
N MET B 244 -24.09 0.99 7.85
CA MET B 244 -23.12 0.63 8.87
C MET B 244 -22.09 1.75 9.07
N ALA B 245 -21.45 1.75 10.24
CA ALA B 245 -20.41 2.70 10.57
C ALA B 245 -19.36 2.06 11.48
N HIS B 246 -18.11 2.49 11.34
CA HIS B 246 -16.94 2.03 12.08
C HIS B 246 -16.54 3.10 13.08
N ILE B 247 -16.53 2.78 14.37
CA ILE B 247 -16.28 3.85 15.35
C ILE B 247 -14.78 4.05 15.58
N THR B 248 -14.25 4.92 14.74
CA THR B 248 -12.87 5.36 14.78
C THR B 248 -12.81 6.86 15.09
N GLY B 249 -12.67 7.64 14.03
CA GLY B 249 -12.64 9.08 13.91
C GLY B 249 -12.84 9.80 15.22
N GLY B 250 -13.69 10.82 15.24
CA GLY B 250 -14.01 11.47 16.51
C GLY B 250 -15.33 10.91 17.03
N GLY B 251 -15.22 9.78 17.70
CA GLY B 251 -16.22 9.01 18.38
C GLY B 251 -17.53 8.81 17.67
N PHE B 252 -18.60 8.57 18.42
CA PHE B 252 -19.92 8.36 17.83
C PHE B 252 -20.32 9.57 16.98
N ILE B 253 -20.16 10.75 17.54
CA ILE B 253 -20.60 11.97 16.87
C ILE B 253 -19.99 12.14 15.50
N GLU B 254 -18.69 11.88 15.36
CA GLU B 254 -18.16 12.02 14.01
C GLU B 254 -18.76 10.96 13.10
N ASN B 255 -18.60 9.72 13.54
CA ASN B 255 -18.82 8.53 12.74
C ASN B 255 -20.28 8.15 12.54
N ILE B 256 -21.10 8.18 13.58
CA ILE B 256 -22.49 7.77 13.39
C ILE B 256 -23.23 8.68 12.42
N PRO B 257 -23.24 9.99 12.60
CA PRO B 257 -23.91 10.88 11.65
C PRO B 257 -23.41 10.69 10.22
N ARG B 258 -22.12 10.36 10.15
CA ARG B 258 -21.42 10.08 8.90
C ARG B 258 -22.26 9.17 8.01
N MET B 259 -22.94 8.20 8.63
CA MET B 259 -23.74 7.29 7.80
C MET B 259 -25.15 7.82 7.57
N LEU B 260 -25.62 8.65 8.50
CA LEU B 260 -26.94 9.25 8.44
C LEU B 260 -27.16 10.14 7.22
N PRO B 261 -28.31 10.00 6.58
CA PRO B 261 -28.70 10.88 5.46
C PRO B 261 -29.32 12.16 5.98
N GLU B 262 -29.34 13.21 5.15
CA GLU B 262 -29.90 14.50 5.53
C GLU B 262 -31.29 14.34 6.12
N GLY B 263 -31.68 15.24 7.02
CA GLY B 263 -32.98 15.16 7.64
C GLY B 263 -33.18 13.94 8.51
N ILE B 264 -32.13 13.16 8.75
CA ILE B 264 -32.23 11.99 9.64
C ILE B 264 -31.22 12.12 10.78
N GLY B 265 -31.45 11.42 11.88
CA GLY B 265 -30.71 11.50 13.12
C GLY B 265 -30.42 10.17 13.79
N ALA B 266 -29.98 10.20 15.05
CA ALA B 266 -29.53 9.01 15.76
C ALA B 266 -29.46 9.19 17.26
N GLU B 267 -30.34 8.58 18.02
CA GLU B 267 -30.43 8.80 19.47
C GLU B 267 -30.04 7.56 20.28
N ILE B 268 -28.89 7.65 20.93
CA ILE B 268 -28.40 6.53 21.72
C ILE B 268 -28.99 6.58 23.13
N GLU B 269 -29.60 5.48 23.51
CA GLU B 269 -30.14 5.27 24.85
C GLU B 269 -28.95 4.91 25.74
N LEU B 270 -28.39 5.93 26.41
CA LEU B 270 -27.23 5.67 27.27
C LEU B 270 -27.61 4.61 28.31
N GLY B 271 -26.89 3.50 28.31
CA GLY B 271 -27.13 2.41 29.23
C GLY B 271 -27.61 1.13 28.57
N SER B 272 -27.54 1.09 27.25
CA SER B 272 -27.93 -0.05 26.44
C SER B 272 -26.73 -0.92 26.06
N TRP B 273 -25.55 -0.60 26.61
CA TRP B 273 -24.36 -1.40 26.35
C TRP B 273 -23.38 -1.24 27.51
N LYS B 274 -22.45 -2.17 27.66
CA LYS B 274 -21.49 -2.09 28.75
C LYS B 274 -20.21 -1.39 28.33
N ILE B 275 -20.01 -0.21 28.88
CA ILE B 275 -18.82 0.61 28.71
C ILE B 275 -17.70 0.11 29.63
N GLN B 276 -16.48 0.07 29.10
CA GLN B 276 -15.29 -0.48 29.72
C GLN B 276 -14.78 0.36 30.89
N PRO B 277 -14.16 -0.32 31.85
CA PRO B 277 -13.51 0.35 32.98
C PRO B 277 -12.44 1.33 32.50
N ILE B 278 -11.81 1.01 31.38
CA ILE B 278 -10.85 1.93 30.79
C ILE B 278 -11.50 3.29 30.55
N PHE B 279 -12.67 3.30 29.90
CA PHE B 279 -13.28 4.58 29.55
C PHE B 279 -13.79 5.30 30.78
N SER B 280 -14.56 4.62 31.63
CA SER B 280 -15.02 5.21 32.89
C SER B 280 -13.83 5.77 33.69
N LEU B 281 -12.70 5.08 33.57
CA LEU B 281 -11.46 5.43 34.23
C LEU B 281 -10.88 6.76 33.79
N LEU B 282 -10.71 6.91 32.47
CA LEU B 282 -10.18 8.17 31.94
C LEU B 282 -11.21 9.27 32.13
N GLN B 283 -12.48 8.87 32.35
CA GLN B 283 -13.52 9.85 32.58
C GLN B 283 -13.26 10.61 33.87
N GLU B 284 -12.87 9.88 34.91
CA GLU B 284 -12.57 10.46 36.21
C GLU B 284 -11.19 11.11 36.23
N VAL B 285 -10.17 10.30 35.99
CA VAL B 285 -8.77 10.68 36.07
C VAL B 285 -8.50 12.04 35.45
N GLY B 286 -8.83 12.16 34.16
CA GLY B 286 -8.62 13.43 33.49
C GLY B 286 -9.78 14.38 33.78
N LYS B 287 -10.81 13.85 34.42
CA LYS B 287 -12.03 14.62 34.66
C LYS B 287 -12.48 15.27 33.36
N LEU B 288 -12.89 14.42 32.41
CA LEU B 288 -13.31 14.83 31.08
C LEU B 288 -14.83 14.76 30.99
N GLU B 289 -15.41 15.45 30.02
CA GLU B 289 -16.85 15.47 29.83
C GLU B 289 -17.31 14.30 28.95
N GLU B 290 -18.47 13.77 29.28
CA GLU B 290 -19.22 12.74 28.57
C GLU B 290 -19.26 13.02 27.08
N LYS B 291 -19.96 14.08 26.68
CA LYS B 291 -20.11 14.45 25.27
C LYS B 291 -18.76 14.68 24.60
N GLU B 292 -17.75 14.98 25.40
CA GLU B 292 -16.36 15.16 25.01
C GLU B 292 -15.70 13.85 24.62
N MET B 293 -15.80 12.89 25.52
CA MET B 293 -15.29 11.53 25.37
C MET B 293 -15.95 10.79 24.22
N PHE B 294 -17.22 11.07 23.97
CA PHE B 294 -18.02 10.50 22.91
C PHE B 294 -17.59 11.01 21.54
N ASN B 295 -16.62 11.92 21.52
CA ASN B 295 -16.17 12.51 20.26
C ASN B 295 -14.68 12.27 20.04
N ILE B 296 -14.16 11.37 20.88
CA ILE B 296 -12.78 10.92 20.75
C ILE B 296 -12.74 9.38 20.78
N PHE B 297 -13.34 8.82 21.83
CA PHE B 297 -13.36 7.43 22.19
C PHE B 297 -14.59 6.65 21.78
N ASN B 298 -14.41 5.38 21.39
CA ASN B 298 -15.58 4.56 21.04
C ASN B 298 -16.51 4.42 22.23
N MET B 299 -15.98 4.59 23.45
CA MET B 299 -16.86 4.47 24.61
C MET B 299 -17.52 3.10 24.66
N GLY B 300 -16.73 2.08 24.35
CA GLY B 300 -17.11 0.70 24.48
C GLY B 300 -17.85 0.10 23.30
N ILE B 301 -18.10 0.84 22.23
CA ILE B 301 -18.81 0.30 21.06
C ILE B 301 -18.06 0.56 19.75
N GLY B 302 -17.65 -0.51 19.08
CA GLY B 302 -16.83 -0.48 17.90
C GLY B 302 -17.54 -0.30 16.58
N MET B 303 -18.80 -0.73 16.46
CA MET B 303 -19.43 -0.50 15.16
C MET B 303 -20.94 -0.42 15.29
N VAL B 304 -21.59 0.30 14.37
CA VAL B 304 -23.03 0.46 14.37
C VAL B 304 -23.64 0.19 13.00
N VAL B 305 -24.67 -0.66 12.95
CA VAL B 305 -25.38 -0.85 11.68
C VAL B 305 -26.86 -0.52 11.90
N ALA B 306 -27.49 0.15 10.94
CA ALA B 306 -28.90 0.50 11.12
C ALA B 306 -29.80 -0.60 10.58
N VAL B 307 -30.80 -1.00 11.36
CA VAL B 307 -31.62 -2.15 11.06
C VAL B 307 -33.12 -1.89 11.22
N LYS B 308 -33.92 -2.55 10.39
CA LYS B 308 -35.37 -2.40 10.37
C LYS B 308 -36.00 -3.02 11.61
N GLU B 309 -36.61 -2.19 12.44
CA GLU B 309 -37.18 -2.50 13.75
C GLU B 309 -37.74 -3.92 13.87
N GLU B 310 -38.35 -4.44 12.82
CA GLU B 310 -38.92 -5.78 12.79
C GLU B 310 -37.88 -6.88 12.71
N ASP B 311 -36.62 -6.53 12.48
CA ASP B 311 -35.59 -7.55 12.27
C ASP B 311 -34.48 -7.48 13.31
N ALA B 312 -34.35 -6.33 13.94
CA ALA B 312 -33.33 -6.04 14.93
C ALA B 312 -33.11 -7.17 15.93
N LYS B 313 -34.18 -7.88 16.25
CA LYS B 313 -34.30 -9.00 17.16
C LYS B 313 -33.43 -10.19 16.77
N ASP B 314 -33.69 -10.76 15.60
CA ASP B 314 -33.01 -11.98 15.19
C ASP B 314 -31.63 -11.69 14.63
N ILE B 315 -31.44 -10.52 14.02
CA ILE B 315 -30.09 -10.20 13.57
C ILE B 315 -29.22 -9.89 14.80
N VAL B 316 -29.80 -9.26 15.81
CA VAL B 316 -29.16 -9.13 17.11
C VAL B 316 -28.75 -10.50 17.62
N ARG B 317 -29.68 -11.43 17.40
CA ARG B 317 -29.47 -12.85 17.66
C ARG B 317 -28.34 -13.38 16.79
N LEU B 318 -28.44 -13.19 15.48
CA LEU B 318 -27.43 -13.66 14.54
C LEU B 318 -26.03 -13.25 14.95
N LEU B 319 -25.83 -11.96 15.25
CA LEU B 319 -24.48 -11.50 15.60
C LEU B 319 -23.99 -12.13 16.89
N GLU B 320 -24.90 -12.33 17.85
CA GLU B 320 -24.48 -13.00 19.08
C GLU B 320 -24.03 -14.41 18.71
N GLU B 321 -24.67 -14.94 17.67
CA GLU B 321 -24.39 -16.25 17.11
C GLU B 321 -23.01 -16.27 16.42
N GLN B 322 -22.45 -15.09 16.23
CA GLN B 322 -21.18 -14.88 15.56
C GLN B 322 -20.06 -14.57 16.55
N GLY B 323 -20.42 -14.46 17.83
CA GLY B 323 -19.44 -14.23 18.88
C GLY B 323 -19.16 -12.75 19.11
N GLU B 324 -20.03 -11.91 18.59
CA GLU B 324 -20.05 -10.47 18.72
C GLU B 324 -20.97 -10.04 19.86
N THR B 325 -20.78 -8.83 20.38
CA THR B 325 -21.68 -8.34 21.43
C THR B 325 -22.69 -7.38 20.84
N ALA B 326 -23.81 -7.91 20.35
CA ALA B 326 -24.83 -7.08 19.72
C ALA B 326 -25.80 -6.53 20.76
N ARG B 327 -26.36 -5.35 20.49
CA ARG B 327 -27.30 -4.68 21.37
C ARG B 327 -27.99 -3.51 20.66
N ILE B 328 -29.23 -3.26 21.06
CA ILE B 328 -29.98 -2.14 20.49
C ILE B 328 -29.62 -0.85 21.23
N ILE B 329 -28.64 -0.18 20.66
CA ILE B 329 -27.95 0.97 21.19
C ILE B 329 -28.81 2.22 21.20
N GLY B 330 -29.80 2.26 20.30
CA GLY B 330 -30.64 3.42 20.09
C GLY B 330 -31.41 3.32 18.79
N ARG B 331 -31.85 4.45 18.23
CA ARG B 331 -32.60 4.33 16.98
C ARG B 331 -32.42 5.55 16.10
N THR B 332 -32.90 5.42 14.87
CA THR B 332 -32.85 6.51 13.90
C THR B 332 -33.98 7.48 14.15
N VAL B 333 -33.76 8.77 13.93
CA VAL B 333 -34.85 9.74 14.06
C VAL B 333 -34.75 10.72 12.88
N GLN B 334 -35.72 11.63 12.75
CA GLN B 334 -35.57 12.66 11.71
C GLN B 334 -35.09 13.94 12.38
N GLY B 335 -33.85 14.34 12.08
CA GLY B 335 -33.25 15.49 12.72
C GLY B 335 -31.78 15.67 12.39
N ALA B 336 -30.92 15.66 13.42
CA ALA B 336 -29.50 15.86 13.13
C ALA B 336 -28.61 15.73 14.35
N GLY B 337 -27.69 14.76 14.30
CA GLY B 337 -26.68 14.55 15.31
C GLY B 337 -26.93 13.35 16.19
N VAL B 338 -26.39 13.39 17.40
CA VAL B 338 -26.52 12.30 18.36
C VAL B 338 -26.99 12.81 19.71
#